data_5XOC
#
_entry.id   5XOC
#
_cell.length_a   131.865
_cell.length_b   131.865
_cell.length_c   91.602
_cell.angle_alpha   90.000
_cell.angle_beta   90.000
_cell.angle_gamma   120.000
#
_symmetry.space_group_name_H-M   'P 63 2 2'
#
loop_
_entity.id
_entity.type
_entity.pdbx_description
1 polymer 'Mothers against decapentaplegic homolog 3'
2 polymer 'Thioredoxin 1,Forkhead box protein H1'
3 water water
#
loop_
_entity_poly.entity_id
_entity_poly.type
_entity_poly.pdbx_seq_one_letter_code
_entity_poly.pdbx_strand_id
1 'polypeptide(L)'
;GPDLQPVTYCEPAFWCSISYYELNQRVGETFHASQPSMTVDGFTDPSNSERFCLGLLSNVNRNAAVELTRRHIGRGVRLY
YIGGEVFAECLSDSAIFVQSPNCNQRYGWHPATVCKIPPGCNLKIFNNQEFAALLAQSVNQGFEAVYQLTRMCTIRMSFV
KGWGAEYRRQTVTSTPCWIELHLNGPLQWLDKVLTQMGS
;
A
2 'polypeptide(L)'
;MHHHHHHSDKIIHLTDDSFDTDVLKADGAILVDFWAEWCGPCKMIAPILDEIADEYQGKLTVAKLNIDQNPGTAPKYGIR
GIPTLLLFKNGEVAATKVGALSKGQLKEFLDANLAGSGLLCDLDALFQGVPPNKSIYDVWV
;
B
#
# COMPACT_ATOMS: atom_id res chain seq x y z
N LEU A 4 2.27 -13.74 26.04
CA LEU A 4 2.34 -12.36 25.57
C LEU A 4 1.39 -11.48 26.36
N GLN A 5 1.94 -10.45 27.02
CA GLN A 5 1.11 -9.56 27.82
C GLN A 5 0.43 -8.51 26.94
N PRO A 6 -0.89 -8.35 27.09
CA PRO A 6 -1.67 -7.38 26.33
C PRO A 6 -1.16 -5.95 26.51
N VAL A 7 -1.07 -5.19 25.44
CA VAL A 7 -0.56 -3.82 25.53
C VAL A 7 -1.71 -2.84 25.79
N THR A 8 -1.36 -1.58 26.03
CA THR A 8 -2.35 -0.56 26.30
C THR A 8 -2.42 0.44 25.15
N TYR A 9 -3.63 0.76 24.72
CA TYR A 9 -3.82 1.69 23.62
C TYR A 9 -3.82 3.13 24.09
N CYS A 10 -2.78 3.49 24.83
CA CYS A 10 -2.62 4.83 25.37
C CYS A 10 -1.98 5.76 24.33
N GLU A 11 -2.18 7.07 24.49
CA GLU A 11 -1.66 8.04 23.55
C GLU A 11 -0.59 8.92 24.19
N PRO A 12 0.53 9.12 23.48
CA PRO A 12 1.62 9.96 23.97
C PRO A 12 1.22 11.44 23.94
N ALA A 13 1.96 12.29 24.64
CA ALA A 13 1.68 13.71 24.65
C ALA A 13 1.79 14.28 23.23
N PHE A 14 2.86 13.90 22.55
CA PHE A 14 3.07 14.29 21.16
C PHE A 14 2.58 13.18 20.25
N TRP A 15 1.50 13.44 19.51
CA TRP A 15 0.89 12.37 18.75
C TRP A 15 1.66 12.06 17.47
N CYS A 16 2.45 13.01 16.98
CA CYS A 16 3.34 12.68 15.86
C CYS A 16 4.56 13.57 15.74
N SER A 17 5.50 13.09 14.94
CA SER A 17 6.72 13.81 14.64
C SER A 17 6.81 13.96 13.14
N ILE A 18 7.22 15.14 12.67
CA ILE A 18 7.29 15.40 11.24
C ILE A 18 8.69 15.82 10.88
N SER A 19 9.25 15.17 9.86
CA SER A 19 10.57 15.54 9.37
C SER A 19 10.51 15.95 7.91
N TYR A 20 11.09 17.11 7.61
CA TYR A 20 11.03 17.67 6.27
C TYR A 20 12.24 17.28 5.44
N TYR A 21 12.01 17.00 4.16
CA TYR A 21 13.08 16.61 3.25
C TYR A 21 13.03 17.42 1.97
N GLU A 22 14.19 17.61 1.37
CA GLU A 22 14.24 18.06 0.01
C GLU A 22 15.07 17.04 -0.77
N LEU A 23 14.43 16.44 -1.76
CA LEU A 23 14.99 15.30 -2.48
C LEU A 23 15.37 14.21 -1.48
N ASN A 24 16.66 13.93 -1.30
CA ASN A 24 17.07 12.91 -0.34
C ASN A 24 17.79 13.49 0.87
N GLN A 25 17.61 14.78 1.10
CA GLN A 25 18.31 15.46 2.18
C GLN A 25 17.36 15.98 3.26
N ARG A 26 17.67 15.67 4.52
CA ARG A 26 16.94 16.25 5.63
C ARG A 26 17.16 17.75 5.62
N VAL A 27 16.09 18.50 5.84
CA VAL A 27 16.20 19.95 5.93
C VAL A 27 15.45 20.41 7.17
N GLY A 28 16.13 21.17 8.03
CA GLY A 28 15.51 21.71 9.22
C GLY A 28 15.43 20.67 10.31
N GLU A 29 14.89 21.06 11.45
CA GLU A 29 14.74 20.13 12.56
C GLU A 29 13.38 19.45 12.51
N THR A 30 13.24 18.42 13.33
CA THR A 30 12.00 17.67 13.42
C THR A 30 10.97 18.46 14.21
N PHE A 31 9.71 18.39 13.78
CA PHE A 31 8.62 19.09 14.43
C PHE A 31 7.80 18.09 15.23
N HIS A 32 7.58 18.36 16.50
CA HIS A 32 6.83 17.45 17.35
C HIS A 32 5.45 18.00 17.65
N ALA A 33 4.43 17.36 17.08
CA ALA A 33 3.06 17.81 17.19
C ALA A 33 2.47 17.54 18.56
N SER A 34 2.10 18.61 19.27
CA SER A 34 1.45 18.47 20.57
C SER A 34 0.00 18.92 20.48
N GLN A 35 -0.38 19.46 19.33
CA GLN A 35 -1.72 19.96 19.14
C GLN A 35 -2.53 18.98 18.30
N PRO A 36 -3.82 18.83 18.61
CA PRO A 36 -4.70 17.95 17.84
C PRO A 36 -4.81 18.39 16.38
N SER A 37 -4.83 19.70 16.11
CA SER A 37 -4.92 20.18 14.74
C SER A 37 -3.80 21.14 14.41
N MET A 38 -3.15 20.91 13.26
CA MET A 38 -1.99 21.69 12.86
C MET A 38 -1.84 21.76 11.35
N THR A 39 -1.00 22.67 10.88
CA THR A 39 -0.69 22.74 9.45
C THR A 39 0.80 22.67 9.20
N VAL A 40 1.13 22.20 8.00
CA VAL A 40 2.48 22.24 7.46
C VAL A 40 2.39 23.08 6.20
N ASP A 41 2.98 24.28 6.22
CA ASP A 41 2.82 25.20 5.10
C ASP A 41 4.16 25.79 4.65
N GLY A 42 4.12 26.59 3.59
CA GLY A 42 5.32 27.12 2.99
C GLY A 42 5.65 28.53 3.43
N PHE A 43 5.08 28.94 4.56
CA PHE A 43 5.27 30.29 5.05
C PHE A 43 6.36 30.34 6.12
N THR A 44 6.42 31.41 6.91
CA THR A 44 7.63 31.68 7.69
C THR A 44 7.46 31.98 9.18
N ASP A 45 6.36 31.53 9.80
CA ASP A 45 6.22 31.72 11.26
C ASP A 45 7.11 30.70 11.98
N PRO A 46 8.00 31.19 12.85
CA PRO A 46 8.93 30.29 13.55
C PRO A 46 8.44 29.82 14.91
N SER A 47 7.49 30.55 15.52
CA SER A 47 7.12 30.28 16.90
C SER A 47 5.66 29.85 17.06
N ASN A 48 5.21 28.90 16.25
CA ASN A 48 3.85 28.42 16.33
C ASN A 48 3.79 26.91 16.56
N SER A 49 3.20 26.50 17.68
CA SER A 49 3.11 25.08 17.97
C SER A 49 2.11 24.37 17.05
N GLU A 50 1.24 25.14 16.40
CA GLU A 50 0.25 24.58 15.49
C GLU A 50 0.65 24.69 14.02
N ARG A 51 1.83 25.25 13.76
CA ARG A 51 2.27 25.40 12.38
C ARG A 51 3.73 24.97 12.19
N PHE A 52 3.95 24.11 11.21
CA PHE A 52 5.29 23.75 10.78
C PHE A 52 5.56 24.53 9.49
N CYS A 53 6.25 25.66 9.62
CA CYS A 53 6.50 26.51 8.47
C CYS A 53 7.78 26.14 7.75
N LEU A 54 7.66 25.73 6.50
CA LEU A 54 8.82 25.24 5.75
C LEU A 54 9.54 26.37 5.02
N GLY A 55 8.86 27.51 4.89
CA GLY A 55 9.39 28.62 4.11
C GLY A 55 10.64 29.25 4.69
N LEU A 56 10.78 29.22 6.02
CA LEU A 56 11.93 29.81 6.68
C LEU A 56 13.15 28.87 6.72
N LEU A 57 12.96 27.63 6.28
CA LEU A 57 14.04 26.64 6.34
C LEU A 57 15.09 26.81 5.25
N SER A 58 16.35 26.88 5.67
CA SER A 58 17.46 27.01 4.74
C SER A 58 17.99 25.66 4.28
N ASN A 59 18.49 25.61 3.06
CA ASN A 59 19.19 24.45 2.56
C ASN A 59 20.28 24.88 1.59
N VAL A 60 21.50 24.79 2.07
CA VAL A 60 22.71 25.17 1.33
C VAL A 60 22.80 24.54 -0.06
N ASN A 61 22.26 23.33 -0.21
CA ASN A 61 22.38 22.58 -1.47
C ASN A 61 21.11 22.60 -2.30
N ARG A 62 20.22 23.54 -1.97
CA ARG A 62 18.94 23.69 -2.68
C ARG A 62 19.14 24.15 -4.12
N ASN A 63 18.44 23.52 -5.07
CA ASN A 63 18.52 23.97 -6.45
C ASN A 63 17.36 24.87 -6.85
N ALA A 64 17.36 25.35 -8.08
CA ALA A 64 16.33 26.26 -8.57
C ALA A 64 14.97 25.57 -8.63
N ALA A 65 14.97 24.30 -9.01
CA ALA A 65 13.76 23.50 -9.07
C ALA A 65 13.06 23.44 -7.72
N VAL A 66 13.82 23.07 -6.69
CA VAL A 66 13.27 22.93 -5.35
C VAL A 66 12.70 24.25 -4.85
N GLU A 67 13.43 25.33 -5.11
CA GLU A 67 12.97 26.66 -4.73
C GLU A 67 11.65 27.01 -5.42
N LEU A 68 11.56 26.72 -6.71
CA LEU A 68 10.33 26.97 -7.44
C LEU A 68 9.15 26.17 -6.85
N THR A 69 9.40 24.92 -6.46
CA THR A 69 8.32 24.09 -5.95
C THR A 69 7.88 24.55 -4.57
N ARG A 70 8.85 24.95 -3.75
CA ARG A 70 8.56 25.51 -2.43
C ARG A 70 7.60 26.68 -2.52
N ARG A 71 7.74 27.46 -3.58
CA ARG A 71 6.90 28.65 -3.77
C ARG A 71 5.43 28.28 -3.94
N HIS A 72 5.16 27.02 -4.28
CA HIS A 72 3.80 26.58 -4.55
C HIS A 72 3.18 25.76 -3.42
N ILE A 73 3.90 25.62 -2.32
CA ILE A 73 3.34 24.89 -1.19
C ILE A 73 2.14 25.65 -0.64
N GLY A 74 2.31 26.95 -0.45
CA GLY A 74 1.22 27.78 0.04
C GLY A 74 0.74 27.33 1.41
N ARG A 75 -0.58 27.28 1.57
CA ARG A 75 -1.18 26.92 2.86
C ARG A 75 -0.92 25.45 3.23
N GLY A 76 -0.44 24.67 2.26
CA GLY A 76 0.02 23.31 2.51
C GLY A 76 -1.04 22.30 2.91
N VAL A 77 -0.73 21.51 3.93
CA VAL A 77 -1.64 20.49 4.41
C VAL A 77 -2.04 20.75 5.86
N ARG A 78 -3.31 20.54 6.17
CA ARG A 78 -3.75 20.54 7.56
C ARG A 78 -3.84 19.10 8.06
N LEU A 79 -3.13 18.82 9.15
CA LEU A 79 -3.11 17.50 9.76
C LEU A 79 -3.82 17.55 11.10
N TYR A 80 -4.72 16.61 11.35
CA TYR A 80 -5.38 16.60 12.64
C TYR A 80 -5.72 15.21 13.15
N TYR A 81 -5.94 15.14 14.45
CA TYR A 81 -6.05 13.89 15.17
C TYR A 81 -7.34 13.89 15.96
N ILE A 82 -8.24 12.99 15.60
CA ILE A 82 -9.53 12.90 16.26
C ILE A 82 -9.91 11.46 16.52
N GLY A 83 -10.23 11.15 17.77
CA GLY A 83 -10.72 9.84 18.17
C GLY A 83 -9.95 8.68 17.58
N GLY A 84 -8.63 8.70 17.75
CA GLY A 84 -7.78 7.62 17.27
C GLY A 84 -7.60 7.61 15.77
N GLU A 85 -8.01 8.69 15.10
CA GLU A 85 -7.86 8.77 13.65
C GLU A 85 -7.10 10.03 13.24
N VAL A 86 -6.30 9.89 12.20
CA VAL A 86 -5.53 11.01 11.68
C VAL A 86 -6.00 11.37 10.28
N PHE A 87 -6.19 12.67 10.05
CA PHE A 87 -6.70 13.16 8.78
C PHE A 87 -5.74 14.15 8.13
N ALA A 88 -5.84 14.25 6.81
CA ALA A 88 -5.06 15.22 6.05
C ALA A 88 -5.97 15.99 5.12
N GLU A 89 -5.87 17.32 5.15
CA GLU A 89 -6.67 18.19 4.31
C GLU A 89 -5.75 19.05 3.44
N CYS A 90 -5.98 19.02 2.13
CA CYS A 90 -5.13 19.77 1.21
C CYS A 90 -5.56 21.24 1.14
N LEU A 91 -4.83 22.11 1.83
CA LEU A 91 -5.14 23.53 1.86
C LEU A 91 -4.48 24.25 0.71
N SER A 92 -3.36 23.71 0.25
CA SER A 92 -2.59 24.26 -0.85
C SER A 92 -3.42 24.39 -2.13
N ASP A 93 -2.99 25.28 -3.04
CA ASP A 93 -3.61 25.40 -4.35
C ASP A 93 -3.08 24.31 -5.29
N SER A 94 -2.04 23.61 -4.84
CA SER A 94 -1.54 22.46 -5.55
C SER A 94 -1.86 21.21 -4.74
N ALA A 95 -1.85 20.05 -5.39
CA ALA A 95 -2.20 18.81 -4.73
C ALA A 95 -1.10 18.36 -3.79
N ILE A 96 -1.44 17.43 -2.89
CA ILE A 96 -0.44 16.76 -2.09
C ILE A 96 -0.57 15.26 -2.32
N PHE A 97 0.52 14.54 -2.16
CA PHE A 97 0.53 13.11 -2.45
C PHE A 97 0.94 12.35 -1.21
N VAL A 98 0.10 11.39 -0.81
CA VAL A 98 0.29 10.69 0.44
C VAL A 98 0.52 9.21 0.24
N GLN A 99 1.56 8.70 0.89
CA GLN A 99 1.79 7.25 0.95
C GLN A 99 1.58 6.78 2.38
N SER A 100 0.39 6.30 2.66
CA SER A 100 0.06 5.77 3.99
C SER A 100 -0.46 4.33 3.90
N PRO A 101 0.43 3.37 4.19
CA PRO A 101 0.12 1.93 4.20
C PRO A 101 -1.14 1.59 4.99
N ASN A 102 -1.35 2.27 6.11
CA ASN A 102 -2.54 2.06 6.93
C ASN A 102 -3.80 2.52 6.19
N CYS A 103 -3.66 3.60 5.44
CA CYS A 103 -4.75 4.09 4.61
C CYS A 103 -5.00 3.15 3.43
N ASN A 104 -3.92 2.71 2.80
CA ASN A 104 -4.00 1.81 1.66
C ASN A 104 -4.66 0.49 2.02
N GLN A 105 -4.36 0.01 3.22
CA GLN A 105 -4.96 -1.20 3.75
C GLN A 105 -6.49 -1.08 3.82
N ARG A 106 -6.97 0.08 4.27
CA ARG A 106 -8.39 0.31 4.45
C ARG A 106 -9.16 0.15 3.15
N TYR A 107 -8.51 0.41 2.02
CA TYR A 107 -9.16 0.35 0.72
C TYR A 107 -8.74 -0.88 -0.08
N GLY A 108 -7.93 -1.74 0.53
CA GLY A 108 -7.42 -2.91 -0.17
C GLY A 108 -6.43 -2.57 -1.26
N TRP A 109 -5.80 -1.41 -1.14
CA TRP A 109 -4.79 -0.99 -2.11
C TRP A 109 -3.44 -1.60 -1.81
N HIS A 110 -2.55 -1.58 -2.80
CA HIS A 110 -1.15 -1.93 -2.58
C HIS A 110 -0.64 -1.06 -1.45
N PRO A 111 0.03 -1.67 -0.46
CA PRO A 111 0.47 -0.94 0.74
C PRO A 111 1.43 0.22 0.43
N ALA A 112 2.09 0.19 -0.73
CA ALA A 112 3.03 1.25 -1.10
C ALA A 112 2.38 2.37 -1.91
N THR A 113 1.06 2.26 -2.12
CA THR A 113 0.33 3.17 -2.99
C THR A 113 0.49 4.64 -2.60
N VAL A 114 0.77 5.47 -3.59
CA VAL A 114 0.77 6.91 -3.42
C VAL A 114 -0.57 7.49 -3.87
N CYS A 115 -1.27 8.16 -2.96
CA CYS A 115 -2.60 8.68 -3.25
C CYS A 115 -2.64 10.19 -3.36
N LYS A 116 -3.18 10.68 -4.46
CA LYS A 116 -3.28 12.12 -4.69
C LYS A 116 -4.47 12.75 -4.00
N ILE A 117 -4.19 13.74 -3.16
CA ILE A 117 -5.22 14.54 -2.52
C ILE A 117 -5.22 15.95 -3.11
N PRO A 118 -6.17 16.24 -4.00
CA PRO A 118 -6.29 17.57 -4.62
C PRO A 118 -6.79 18.62 -3.62
N PRO A 119 -6.58 19.91 -3.94
CA PRO A 119 -7.02 21.02 -3.08
C PRO A 119 -8.47 20.89 -2.64
N GLY A 120 -8.74 21.17 -1.37
CA GLY A 120 -10.09 21.13 -0.84
C GLY A 120 -10.51 19.76 -0.32
N CYS A 121 -9.71 18.73 -0.59
CA CYS A 121 -10.12 17.37 -0.23
C CYS A 121 -9.56 16.90 1.11
N ASN A 122 -10.34 16.07 1.78
CA ASN A 122 -10.02 15.55 3.10
C ASN A 122 -9.86 14.03 3.05
N LEU A 123 -8.85 13.52 3.73
CA LEU A 123 -8.60 12.08 3.72
C LEU A 123 -8.08 11.55 5.05
N LYS A 124 -8.79 10.58 5.60
CA LYS A 124 -8.29 9.86 6.76
C LYS A 124 -7.06 9.07 6.38
N ILE A 125 -5.90 9.44 6.93
CA ILE A 125 -4.66 8.84 6.52
C ILE A 125 -4.17 7.80 7.53
N PHE A 126 -4.85 7.71 8.68
CA PHE A 126 -4.54 6.67 9.66
C PHE A 126 -5.72 6.40 10.59
N ASN A 127 -5.89 5.12 10.94
CA ASN A 127 -6.89 4.70 11.91
C ASN A 127 -6.22 3.72 12.86
N ASN A 128 -6.29 4.01 14.15
CA ASN A 128 -5.58 3.22 15.15
C ASN A 128 -6.01 1.76 15.19
N GLN A 129 -7.29 1.51 14.94
CA GLN A 129 -7.84 0.17 15.04
C GLN A 129 -7.35 -0.74 13.92
N GLU A 130 -7.18 -0.18 12.72
CA GLU A 130 -6.66 -0.96 11.60
C GLU A 130 -5.26 -1.46 11.94
N PHE A 131 -4.47 -0.58 12.54
CA PHE A 131 -3.13 -0.92 12.99
C PHE A 131 -3.14 -1.98 14.10
N ALA A 132 -4.11 -1.87 15.00
CA ALA A 132 -4.25 -2.85 16.07
C ALA A 132 -4.53 -4.23 15.48
N ALA A 133 -5.35 -4.27 14.45
CA ALA A 133 -5.68 -5.51 13.75
C ALA A 133 -4.43 -6.12 13.13
N LEU A 134 -3.64 -5.28 12.47
CA LEU A 134 -2.42 -5.74 11.83
C LEU A 134 -1.41 -6.24 12.85
N LEU A 135 -1.33 -5.53 13.98
CA LEU A 135 -0.39 -5.88 15.03
C LEU A 135 -0.75 -7.23 15.62
N ALA A 136 -2.04 -7.53 15.67
CA ALA A 136 -2.52 -8.81 16.20
C ALA A 136 -2.14 -9.95 15.27
N GLN A 137 -2.19 -9.69 13.96
CA GLN A 137 -1.82 -10.71 12.97
C GLN A 137 -0.32 -10.98 13.01
N SER A 138 0.45 -9.96 13.39
CA SER A 138 1.90 -10.08 13.39
C SER A 138 2.39 -10.91 14.56
N VAL A 139 1.79 -10.68 15.72
CA VAL A 139 2.13 -11.44 16.93
C VAL A 139 2.02 -12.93 16.64
N ASN A 140 0.97 -13.32 15.92
CA ASN A 140 0.75 -14.71 15.56
C ASN A 140 1.73 -15.20 14.51
N GLN A 141 2.17 -14.31 13.62
CA GLN A 141 3.09 -14.70 12.56
C GLN A 141 4.55 -14.68 12.98
N GLY A 142 4.81 -14.22 14.20
CA GLY A 142 6.17 -14.24 14.72
C GLY A 142 6.82 -12.88 14.85
N PHE A 143 8.07 -12.89 15.29
CA PHE A 143 8.76 -11.66 15.63
C PHE A 143 9.18 -10.85 14.41
N GLU A 144 9.59 -11.54 13.35
CA GLU A 144 10.09 -10.86 12.16
C GLU A 144 8.98 -10.04 11.52
N ALA A 145 7.75 -10.53 11.64
CA ALA A 145 6.59 -9.82 11.11
C ALA A 145 6.31 -8.56 11.92
N VAL A 146 6.62 -8.61 13.21
CA VAL A 146 6.35 -7.48 14.09
C VAL A 146 7.34 -6.34 13.84
N TYR A 147 8.61 -6.67 13.59
CA TYR A 147 9.60 -5.65 13.25
C TYR A 147 9.19 -4.89 11.99
N GLN A 148 8.55 -5.58 11.07
CA GLN A 148 8.16 -4.99 9.80
C GLN A 148 7.11 -3.90 9.96
N LEU A 149 6.43 -3.90 11.10
CA LEU A 149 5.31 -3.00 11.32
C LEU A 149 5.73 -1.56 11.64
N THR A 150 7.02 -1.35 11.78
CA THR A 150 7.53 -0.03 12.08
C THR A 150 7.14 0.97 11.00
N ARG A 151 7.31 0.57 9.74
CA ARG A 151 7.00 1.45 8.62
C ARG A 151 5.50 1.68 8.48
N MET A 152 4.70 0.83 9.11
CA MET A 152 3.26 1.03 9.15
C MET A 152 2.88 2.18 10.09
N CYS A 153 3.85 2.64 10.87
CA CYS A 153 3.63 3.76 11.77
C CYS A 153 4.11 5.04 11.13
N THR A 154 4.56 4.93 9.89
CA THR A 154 5.09 6.09 9.18
C THR A 154 4.23 6.42 7.98
N ILE A 155 4.16 7.72 7.69
CA ILE A 155 3.45 8.18 6.51
C ILE A 155 4.34 9.17 5.77
N ARG A 156 4.39 9.05 4.45
CA ARG A 156 5.15 10.00 3.65
C ARG A 156 4.20 10.83 2.77
N MET A 157 4.50 12.11 2.65
CA MET A 157 3.64 13.04 1.95
C MET A 157 4.46 14.03 1.14
N SER A 158 4.12 14.19 -0.13
CA SER A 158 4.82 15.11 -1.02
C SER A 158 3.94 16.30 -1.41
N PHE A 159 4.51 17.50 -1.34
CA PHE A 159 3.79 18.70 -1.80
C PHE A 159 3.99 18.94 -3.27
N VAL A 160 2.89 19.29 -3.95
CA VAL A 160 2.89 19.74 -5.35
C VAL A 160 3.22 18.63 -6.34
N LYS A 161 4.38 18.00 -6.17
CA LYS A 161 4.86 16.99 -7.11
C LYS A 161 4.52 15.57 -6.70
N GLY A 162 3.99 14.79 -7.63
CA GLY A 162 3.68 13.40 -7.36
C GLY A 162 4.87 12.49 -7.63
N TRP A 163 4.80 11.27 -7.10
CA TRP A 163 5.80 10.25 -7.43
C TRP A 163 5.13 8.89 -7.47
N GLY A 164 5.74 7.97 -8.22
CA GLY A 164 5.15 6.66 -8.43
C GLY A 164 5.23 6.26 -9.89
N ALA A 165 4.54 5.18 -10.23
CA ALA A 165 4.62 4.59 -11.56
C ALA A 165 4.05 5.48 -12.66
N GLU A 166 3.23 6.45 -12.26
CA GLU A 166 2.57 7.32 -13.23
C GLU A 166 3.31 8.64 -13.40
N TYR A 167 4.41 8.82 -12.69
CA TYR A 167 5.15 10.09 -12.73
C TYR A 167 6.61 9.93 -13.13
N ARG A 168 7.22 11.01 -13.61
CA ARG A 168 8.63 11.01 -13.98
C ARG A 168 9.49 10.68 -12.77
N ARG A 169 9.05 11.14 -11.60
CA ARG A 169 9.72 10.82 -10.33
C ARG A 169 9.23 9.46 -9.82
N GLN A 170 10.13 8.49 -9.76
CA GLN A 170 9.75 7.13 -9.40
C GLN A 170 9.74 6.89 -7.90
N THR A 171 10.55 7.64 -7.16
CA THR A 171 10.68 7.43 -5.72
C THR A 171 10.53 8.75 -4.97
N VAL A 172 10.22 8.68 -3.69
CA VAL A 172 9.90 9.87 -2.92
C VAL A 172 11.11 10.80 -2.76
N THR A 173 12.32 10.24 -2.83
CA THR A 173 13.52 11.04 -2.70
C THR A 173 13.85 11.78 -3.99
N SER A 174 12.98 11.65 -4.98
CA SER A 174 13.12 12.40 -6.22
C SER A 174 12.13 13.56 -6.28
N THR A 175 11.30 13.69 -5.24
CA THR A 175 10.42 14.85 -5.12
C THR A 175 11.14 15.95 -4.34
N PRO A 176 10.91 17.22 -4.72
CA PRO A 176 11.62 18.36 -4.14
C PRO A 176 11.18 18.71 -2.71
N CYS A 177 9.93 18.43 -2.37
CA CYS A 177 9.40 18.82 -1.07
C CYS A 177 8.51 17.73 -0.50
N TRP A 178 9.03 16.97 0.47
CA TRP A 178 8.17 15.98 1.11
C TRP A 178 8.46 15.90 2.61
N ILE A 179 7.49 15.34 3.34
CA ILE A 179 7.63 15.15 4.77
C ILE A 179 7.39 13.70 5.15
N GLU A 180 7.92 13.30 6.30
CA GLU A 180 7.66 11.99 6.84
C GLU A 180 7.01 12.13 8.23
N LEU A 181 5.91 11.43 8.43
CA LEU A 181 5.24 11.45 9.73
C LEU A 181 5.50 10.16 10.49
N HIS A 182 5.90 10.30 11.75
CA HIS A 182 5.96 9.16 12.66
C HIS A 182 4.80 9.27 13.63
N LEU A 183 3.97 8.25 13.69
CA LEU A 183 2.85 8.26 14.64
C LEU A 183 3.27 7.57 15.93
N ASN A 184 3.43 8.38 16.97
CA ASN A 184 4.05 7.93 18.21
C ASN A 184 3.23 6.92 19.00
N GLY A 185 1.91 7.03 18.93
CA GLY A 185 1.02 6.09 19.58
C GLY A 185 1.24 4.66 19.14
N PRO A 186 1.05 4.39 17.83
CA PRO A 186 1.34 3.06 17.27
C PRO A 186 2.78 2.59 17.54
N LEU A 187 3.74 3.52 17.54
CA LEU A 187 5.12 3.16 17.80
C LEU A 187 5.30 2.68 19.23
N GLN A 188 4.61 3.35 20.15
CA GLN A 188 4.68 2.96 21.55
C GLN A 188 4.01 1.61 21.77
N TRP A 189 2.88 1.40 21.09
CA TRP A 189 2.17 0.11 21.16
C TRP A 189 3.04 -0.99 20.59
N LEU A 190 3.65 -0.72 19.44
CA LEU A 190 4.55 -1.66 18.79
C LEU A 190 5.69 -2.05 19.72
N ASP A 191 6.18 -1.06 20.47
CA ASP A 191 7.31 -1.24 21.37
C ASP A 191 6.98 -2.18 22.51
N LYS A 192 5.76 -2.08 23.04
CA LYS A 192 5.33 -2.93 24.13
C LYS A 192 5.25 -4.38 23.70
N VAL A 193 5.08 -4.59 22.39
CA VAL A 193 5.06 -5.94 21.85
C VAL A 193 6.48 -6.42 21.58
N LEU A 194 7.26 -5.58 20.89
CA LEU A 194 8.63 -5.90 20.53
C LEU A 194 9.50 -6.32 21.72
N THR A 195 9.33 -5.66 22.86
CA THR A 195 10.19 -5.91 24.01
C THR A 195 9.84 -7.19 24.75
N GLN A 196 8.74 -7.83 24.35
CA GLN A 196 8.36 -9.10 24.94
C GLN A 196 8.80 -10.27 24.08
N MET A 197 8.53 -10.16 22.78
CA MET A 197 8.83 -11.22 21.83
C MET A 197 10.32 -11.57 21.84
N ASP B 9 4.00 -25.20 -25.03
CA ASP B 9 3.08 -24.42 -24.22
C ASP B 9 3.46 -24.49 -22.74
N LYS B 10 3.14 -23.44 -22.00
CA LYS B 10 3.53 -23.34 -20.60
C LYS B 10 2.31 -23.22 -19.66
N ILE B 11 1.29 -24.03 -19.91
CA ILE B 11 0.11 -24.04 -19.05
C ILE B 11 -0.14 -25.43 -18.47
N ILE B 12 -0.10 -25.52 -17.14
CA ILE B 12 -0.37 -26.76 -16.44
C ILE B 12 -1.85 -27.07 -16.44
N HIS B 13 -2.21 -28.31 -16.76
CA HIS B 13 -3.60 -28.74 -16.71
C HIS B 13 -3.81 -29.63 -15.49
N LEU B 14 -4.46 -29.06 -14.47
CA LEU B 14 -4.59 -29.71 -13.17
C LEU B 14 -5.66 -30.78 -13.13
N THR B 15 -5.55 -31.68 -12.16
CA THR B 15 -6.62 -32.61 -11.83
C THR B 15 -6.88 -32.53 -10.32
N ASP B 16 -7.92 -33.20 -9.84
CA ASP B 16 -8.20 -33.21 -8.41
C ASP B 16 -7.09 -33.90 -7.63
N ASP B 17 -6.45 -34.88 -8.26
CA ASP B 17 -5.38 -35.64 -7.63
C ASP B 17 -4.08 -34.84 -7.63
N SER B 18 -3.79 -34.19 -8.74
CA SER B 18 -2.52 -33.48 -8.92
C SER B 18 -2.57 -32.04 -8.42
N PHE B 19 -3.74 -31.61 -7.96
CA PHE B 19 -3.91 -30.23 -7.51
C PHE B 19 -3.05 -29.90 -6.30
N ASP B 20 -2.92 -30.87 -5.39
CA ASP B 20 -2.13 -30.68 -4.18
C ASP B 20 -0.67 -30.33 -4.49
N THR B 21 -0.06 -31.11 -5.37
CA THR B 21 1.36 -30.94 -5.70
C THR B 21 1.59 -29.74 -6.62
N ASP B 22 0.78 -29.64 -7.67
CA ASP B 22 1.00 -28.63 -8.71
C ASP B 22 0.68 -27.21 -8.27
N VAL B 23 -0.17 -27.08 -7.25
CA VAL B 23 -0.60 -25.75 -6.82
C VAL B 23 -0.15 -25.39 -5.40
N LEU B 24 -0.58 -26.17 -4.42
CA LEU B 24 -0.34 -25.85 -3.02
C LEU B 24 1.14 -25.92 -2.66
N LYS B 25 1.82 -26.94 -3.17
CA LYS B 25 3.24 -27.12 -2.86
C LYS B 25 4.15 -26.63 -3.99
N ALA B 26 3.67 -25.64 -4.74
CA ALA B 26 4.41 -25.13 -5.88
C ALA B 26 5.26 -23.91 -5.51
N ASP B 27 6.37 -23.75 -6.24
CA ASP B 27 7.23 -22.58 -6.06
C ASP B 27 6.63 -21.38 -6.77
N GLY B 28 6.65 -20.23 -6.11
CA GLY B 28 6.15 -19.00 -6.69
C GLY B 28 4.63 -18.96 -6.77
N ALA B 29 4.12 -18.02 -7.55
CA ALA B 29 2.69 -17.82 -7.68
C ALA B 29 2.11 -18.65 -8.83
N ILE B 30 0.93 -19.23 -8.58
CA ILE B 30 0.21 -20.01 -9.58
C ILE B 30 -1.17 -19.42 -9.80
N LEU B 31 -1.51 -19.12 -11.05
CA LEU B 31 -2.85 -18.67 -11.41
C LEU B 31 -3.72 -19.86 -11.82
N VAL B 32 -4.71 -20.19 -11.00
CA VAL B 32 -5.57 -21.33 -11.28
C VAL B 32 -6.90 -20.91 -11.92
N ASP B 33 -7.14 -21.38 -13.14
CA ASP B 33 -8.38 -21.08 -13.85
C ASP B 33 -9.39 -22.22 -13.69
N PHE B 34 -10.58 -21.87 -13.20
CA PHE B 34 -11.68 -22.81 -13.09
C PHE B 34 -12.62 -22.60 -14.27
N TRP B 35 -12.71 -23.60 -15.13
CA TRP B 35 -13.49 -23.48 -16.36
C TRP B 35 -14.23 -24.76 -16.68
N ALA B 36 -15.13 -24.68 -17.66
CA ALA B 36 -15.85 -25.84 -18.16
C ALA B 36 -16.13 -25.65 -19.65
N GLU B 37 -16.45 -26.75 -20.34
CA GLU B 37 -16.68 -26.68 -21.79
C GLU B 37 -17.94 -25.89 -22.14
N TRP B 38 -18.86 -25.77 -21.19
CA TRP B 38 -20.10 -25.05 -21.42
C TRP B 38 -20.04 -23.59 -20.99
N CYS B 39 -18.94 -23.20 -20.34
CA CYS B 39 -18.80 -21.82 -19.91
C CYS B 39 -18.42 -20.91 -21.07
N GLY B 40 -19.39 -20.13 -21.55
CA GLY B 40 -19.15 -19.17 -22.61
C GLY B 40 -18.02 -18.22 -22.33
N PRO B 41 -18.16 -17.37 -21.29
CA PRO B 41 -17.10 -16.43 -20.90
C PRO B 41 -15.78 -17.10 -20.53
N CYS B 42 -15.80 -18.40 -20.25
CA CYS B 42 -14.57 -19.14 -19.95
C CYS B 42 -13.73 -19.29 -21.22
N LYS B 43 -14.39 -19.41 -22.36
CA LYS B 43 -13.70 -19.52 -23.63
C LYS B 43 -13.17 -18.16 -24.09
N MET B 44 -13.79 -17.09 -23.58
CA MET B 44 -13.35 -15.74 -23.89
C MET B 44 -11.96 -15.47 -23.34
N ILE B 45 -11.71 -15.97 -22.13
CA ILE B 45 -10.45 -15.71 -21.44
C ILE B 45 -9.37 -16.73 -21.83
N ALA B 46 -9.80 -17.85 -22.42
CA ALA B 46 -8.88 -18.94 -22.78
C ALA B 46 -7.69 -18.49 -23.66
N PRO B 47 -7.94 -17.65 -24.69
CA PRO B 47 -6.76 -17.19 -25.43
C PRO B 47 -5.92 -16.18 -24.65
N ILE B 48 -6.58 -15.42 -23.78
CA ILE B 48 -5.89 -14.42 -22.96
C ILE B 48 -4.90 -15.09 -22.01
N LEU B 49 -5.30 -16.24 -21.45
CA LEU B 49 -4.46 -16.97 -20.52
C LEU B 49 -3.16 -17.42 -21.17
N ASP B 50 -3.23 -17.78 -22.46
CA ASP B 50 -2.05 -18.19 -23.19
C ASP B 50 -1.06 -17.04 -23.33
N GLU B 51 -1.58 -15.84 -23.60
CA GLU B 51 -0.74 -14.66 -23.72
C GLU B 51 -0.12 -14.30 -22.37
N ILE B 52 -0.90 -14.45 -21.32
CA ILE B 52 -0.43 -14.20 -19.97
C ILE B 52 0.65 -15.20 -19.57
N ALA B 53 0.42 -16.47 -19.90
CA ALA B 53 1.36 -17.54 -19.54
C ALA B 53 2.72 -17.35 -20.18
N ASP B 54 2.76 -16.68 -21.33
CA ASP B 54 4.00 -16.49 -22.05
C ASP B 54 4.69 -15.17 -21.68
N GLU B 55 3.90 -14.17 -21.31
CA GLU B 55 4.44 -12.86 -20.96
C GLU B 55 4.86 -12.78 -19.51
N TYR B 56 4.27 -13.62 -18.67
CA TYR B 56 4.60 -13.63 -17.25
C TYR B 56 5.46 -14.83 -16.87
N GLN B 57 6.31 -15.25 -17.80
CA GLN B 57 7.23 -16.36 -17.54
C GLN B 57 8.22 -16.01 -16.43
N GLY B 58 8.50 -16.97 -15.56
CA GLY B 58 9.49 -16.80 -14.52
C GLY B 58 8.96 -16.18 -13.24
N LYS B 59 7.77 -15.60 -13.31
CA LYS B 59 7.18 -14.94 -12.15
C LYS B 59 5.76 -15.40 -11.89
N LEU B 60 5.20 -16.16 -12.84
CA LEU B 60 3.84 -16.68 -12.70
C LEU B 60 3.63 -17.92 -13.54
N THR B 61 2.92 -18.90 -12.97
CA THR B 61 2.55 -20.10 -13.70
C THR B 61 1.03 -20.14 -13.88
N VAL B 62 0.59 -20.34 -15.13
CA VAL B 62 -0.83 -20.42 -15.42
C VAL B 62 -1.31 -21.87 -15.42
N ALA B 63 -2.32 -22.15 -14.61
CA ALA B 63 -2.86 -23.50 -14.50
C ALA B 63 -4.37 -23.52 -14.69
N LYS B 64 -4.87 -24.53 -15.39
CA LYS B 64 -6.31 -24.65 -15.64
C LYS B 64 -6.86 -25.95 -15.07
N LEU B 65 -7.99 -25.85 -14.37
CA LEU B 65 -8.66 -27.01 -13.84
C LEU B 65 -10.09 -27.11 -14.36
N ASN B 66 -10.33 -28.08 -15.24
CA ASN B 66 -11.68 -28.35 -15.71
C ASN B 66 -12.54 -28.93 -14.61
N ILE B 67 -13.61 -28.22 -14.24
CA ILE B 67 -14.42 -28.60 -13.08
C ILE B 67 -15.38 -29.76 -13.37
N ASP B 68 -15.60 -30.05 -14.64
CA ASP B 68 -16.42 -31.19 -15.01
C ASP B 68 -15.63 -32.48 -14.75
N GLN B 69 -14.45 -32.55 -15.33
CA GLN B 69 -13.57 -33.71 -15.18
C GLN B 69 -13.00 -33.78 -13.77
N ASN B 70 -12.96 -32.63 -13.09
CA ASN B 70 -12.44 -32.53 -11.73
C ASN B 70 -13.36 -31.70 -10.83
N PRO B 71 -14.40 -32.35 -10.28
CA PRO B 71 -15.46 -31.69 -9.51
C PRO B 71 -15.17 -31.49 -8.03
N GLY B 72 -14.06 -32.04 -7.54
CA GLY B 72 -13.78 -32.01 -6.12
C GLY B 72 -13.12 -30.73 -5.62
N THR B 73 -12.33 -30.09 -6.46
CA THR B 73 -11.53 -28.94 -6.05
C THR B 73 -12.35 -27.67 -5.86
N ALA B 74 -13.23 -27.37 -6.81
CA ALA B 74 -13.98 -26.12 -6.82
C ALA B 74 -14.80 -25.87 -5.54
N PRO B 75 -15.57 -26.87 -5.05
CA PRO B 75 -16.36 -26.54 -3.86
C PRO B 75 -15.50 -26.28 -2.61
N LYS B 76 -14.35 -26.94 -2.51
CA LYS B 76 -13.46 -26.79 -1.36
C LYS B 76 -13.01 -25.35 -1.15
N TYR B 77 -12.89 -24.60 -2.25
CA TYR B 77 -12.46 -23.21 -2.17
C TYR B 77 -13.65 -22.27 -2.35
N GLY B 78 -14.85 -22.83 -2.32
CA GLY B 78 -16.06 -22.05 -2.43
C GLY B 78 -16.30 -21.46 -3.80
N ILE B 79 -15.81 -22.14 -4.84
CA ILE B 79 -16.04 -21.71 -6.20
C ILE B 79 -17.44 -22.14 -6.65
N ARG B 80 -18.34 -21.17 -6.78
CA ARG B 80 -19.74 -21.46 -7.09
C ARG B 80 -20.12 -21.01 -8.49
N GLY B 81 -19.29 -20.17 -9.09
CA GLY B 81 -19.51 -19.71 -10.45
C GLY B 81 -18.21 -19.67 -11.23
N ILE B 82 -18.32 -19.78 -12.55
CA ILE B 82 -17.16 -19.70 -13.43
C ILE B 82 -17.46 -18.72 -14.57
N PRO B 83 -16.42 -18.08 -15.14
CA PRO B 83 -14.99 -18.24 -14.82
C PRO B 83 -14.61 -17.67 -13.46
N THR B 84 -13.66 -18.33 -12.82
CA THR B 84 -13.15 -17.88 -11.54
C THR B 84 -11.65 -18.11 -11.50
N LEU B 85 -10.90 -17.07 -11.16
CA LEU B 85 -9.46 -17.18 -11.07
C LEU B 85 -8.96 -17.05 -9.64
N LEU B 86 -8.26 -18.07 -9.16
CA LEU B 86 -7.61 -18.02 -7.86
C LEU B 86 -6.10 -17.88 -8.03
N LEU B 87 -5.54 -16.83 -7.46
CA LEU B 87 -4.09 -16.66 -7.44
C LEU B 87 -3.50 -17.27 -6.17
N PHE B 88 -2.78 -18.38 -6.33
CA PHE B 88 -2.16 -19.07 -5.21
C PHE B 88 -0.71 -18.65 -5.00
N LYS B 89 -0.34 -18.45 -3.74
CA LYS B 89 1.03 -18.11 -3.39
C LYS B 89 1.46 -18.91 -2.16
N ASN B 90 2.39 -19.84 -2.37
CA ASN B 90 2.92 -20.70 -1.31
C ASN B 90 1.84 -21.39 -0.48
N GLY B 91 0.84 -21.95 -1.14
CA GLY B 91 -0.19 -22.73 -0.48
C GLY B 91 -1.45 -21.96 -0.11
N GLU B 92 -1.35 -20.64 -0.05
CA GLU B 92 -2.49 -19.81 0.33
C GLU B 92 -3.19 -19.20 -0.87
N VAL B 93 -4.44 -18.76 -0.68
CA VAL B 93 -5.15 -18.00 -1.69
C VAL B 93 -4.85 -16.52 -1.52
N ALA B 94 -4.04 -15.98 -2.42
CA ALA B 94 -3.61 -14.59 -2.33
C ALA B 94 -4.71 -13.62 -2.78
N ALA B 95 -5.18 -13.82 -4.01
CA ALA B 95 -6.21 -12.97 -4.57
C ALA B 95 -7.18 -13.78 -5.43
N THR B 96 -8.35 -13.22 -5.69
CA THR B 96 -9.35 -13.90 -6.50
C THR B 96 -10.07 -12.93 -7.45
N LYS B 97 -10.31 -13.37 -8.67
CA LYS B 97 -10.99 -12.57 -9.67
C LYS B 97 -12.10 -13.38 -10.33
N VAL B 98 -13.30 -12.80 -10.39
CA VAL B 98 -14.46 -13.54 -10.87
C VAL B 98 -15.06 -12.91 -12.12
N GLY B 99 -15.59 -13.75 -13.00
CA GLY B 99 -16.28 -13.29 -14.19
C GLY B 99 -15.36 -13.09 -15.37
N ALA B 100 -15.95 -12.85 -16.54
CA ALA B 100 -15.18 -12.57 -17.75
C ALA B 100 -14.44 -11.23 -17.60
N LEU B 101 -13.31 -11.09 -18.28
CA LEU B 101 -12.53 -9.87 -18.20
C LEU B 101 -11.60 -9.73 -19.41
N SER B 102 -11.14 -8.51 -19.65
CA SER B 102 -10.24 -8.22 -20.76
C SER B 102 -8.80 -8.51 -20.39
N LYS B 103 -7.92 -8.50 -21.39
CA LYS B 103 -6.50 -8.75 -21.18
C LYS B 103 -5.92 -7.69 -20.26
N GLY B 104 -6.42 -6.46 -20.40
CA GLY B 104 -5.97 -5.35 -19.59
C GLY B 104 -6.41 -5.47 -18.15
N GLN B 105 -7.64 -5.93 -17.94
CA GLN B 105 -8.16 -6.12 -16.59
C GLN B 105 -7.43 -7.26 -15.88
N LEU B 106 -6.96 -8.22 -16.67
CA LEU B 106 -6.21 -9.34 -16.12
C LEU B 106 -4.81 -8.93 -15.71
N LYS B 107 -4.20 -8.04 -16.50
CA LYS B 107 -2.87 -7.53 -16.20
C LYS B 107 -2.89 -6.67 -14.93
N GLU B 108 -3.90 -5.81 -14.82
CA GLU B 108 -4.06 -4.96 -13.66
C GLU B 108 -4.25 -5.79 -12.39
N PHE B 109 -4.97 -6.90 -12.54
CA PHE B 109 -5.19 -7.81 -11.43
C PHE B 109 -3.87 -8.47 -11.01
N LEU B 110 -3.11 -8.93 -12.00
CA LEU B 110 -1.85 -9.62 -11.74
C LEU B 110 -0.79 -8.67 -11.17
N ASP B 111 -0.63 -7.50 -11.77
CA ASP B 111 0.38 -6.54 -11.36
C ASP B 111 0.20 -6.11 -9.90
N ALA B 112 -1.05 -6.06 -9.46
CA ALA B 112 -1.36 -5.57 -8.12
C ALA B 112 -1.21 -6.64 -7.04
N ASN B 113 -1.17 -7.91 -7.44
CA ASN B 113 -1.15 -9.01 -6.47
C ASN B 113 0.06 -9.95 -6.55
N LEU B 114 0.93 -9.74 -7.52
CA LEU B 114 2.20 -10.48 -7.56
C LEU B 114 3.16 -9.89 -6.53
N ALA B 115 2.63 -9.64 -5.33
CA ALA B 115 3.38 -9.04 -4.24
C ALA B 115 4.49 -9.95 -3.76
N GLY B 116 4.23 -11.25 -3.80
CA GLY B 116 5.14 -12.24 -3.26
C GLY B 116 4.94 -12.36 -1.77
N SER B 117 4.63 -13.58 -1.32
CA SER B 117 4.39 -13.88 0.10
C SER B 117 3.08 -13.22 0.59
N GLY B 118 2.51 -13.69 1.69
CA GLY B 118 3.14 -14.60 2.64
C GLY B 118 3.68 -13.72 3.74
N LEU B 119 3.35 -12.44 3.63
CA LEU B 119 3.66 -11.39 4.61
C LEU B 119 3.12 -11.77 6.01
N LEU B 120 3.43 -11.04 7.09
CA LEU B 120 4.04 -9.71 7.09
C LEU B 120 5.57 -9.71 7.12
N CYS B 121 6.17 -10.89 7.26
CA CYS B 121 7.61 -10.97 7.42
C CYS B 121 8.36 -10.58 6.14
N ASP B 122 7.64 -10.51 5.02
CA ASP B 122 8.24 -10.10 3.76
C ASP B 122 7.59 -8.83 3.23
N LEU B 123 7.05 -8.03 4.13
CA LEU B 123 6.36 -6.80 3.75
C LEU B 123 7.31 -5.80 3.10
N ASP B 124 8.60 -5.90 3.44
CA ASP B 124 9.62 -5.02 2.88
C ASP B 124 9.75 -5.14 1.37
N ALA B 125 9.43 -6.33 0.85
CA ALA B 125 9.49 -6.59 -0.58
C ALA B 125 8.51 -5.72 -1.36
N LEU B 126 7.55 -5.12 -0.67
CA LEU B 126 6.53 -4.32 -1.34
C LEU B 126 6.92 -2.86 -1.44
N PHE B 127 8.06 -2.51 -0.87
CA PHE B 127 8.52 -1.13 -0.89
C PHE B 127 9.88 -1.00 -1.56
N GLN B 128 10.34 -2.08 -2.17
CA GLN B 128 11.63 -2.06 -2.85
C GLN B 128 11.49 -1.84 -4.36
N GLY B 129 10.33 -1.35 -4.78
CA GLY B 129 10.09 -1.04 -6.17
C GLY B 129 9.50 0.34 -6.36
N VAL B 130 8.89 0.56 -7.52
CA VAL B 130 8.24 1.82 -7.83
C VAL B 130 6.76 1.76 -7.46
N PRO B 131 6.33 2.58 -6.48
CA PRO B 131 4.96 2.53 -5.98
C PRO B 131 3.90 2.88 -7.03
N PRO B 132 2.74 2.21 -6.97
CA PRO B 132 1.62 2.55 -7.85
C PRO B 132 0.87 3.78 -7.37
N ASN B 133 0.09 4.40 -8.25
CA ASN B 133 -0.62 5.62 -7.92
C ASN B 133 -2.13 5.47 -7.91
N LYS B 134 -2.77 6.14 -6.96
CA LYS B 134 -4.22 6.29 -6.95
C LYS B 134 -4.59 7.75 -6.77
N SER B 135 -5.76 8.13 -7.26
CA SER B 135 -6.36 9.39 -6.89
C SER B 135 -7.34 9.16 -5.76
N ILE B 136 -7.57 10.18 -4.94
CA ILE B 136 -8.57 10.07 -3.90
C ILE B 136 -9.95 9.75 -4.50
N TYR B 137 -10.15 10.10 -5.77
CA TYR B 137 -11.44 9.84 -6.38
C TYR B 137 -11.55 8.36 -6.79
N ASP B 138 -10.42 7.67 -6.83
CA ASP B 138 -10.42 6.25 -7.17
C ASP B 138 -11.13 5.41 -6.10
N VAL B 139 -11.35 6.00 -4.94
CA VAL B 139 -12.20 5.38 -3.93
C VAL B 139 -13.67 5.45 -4.37
N TRP B 140 -13.88 6.17 -5.48
CA TRP B 140 -15.18 6.42 -6.12
C TRP B 140 -16.04 7.43 -5.38
N VAL B 141 -15.60 8.69 -5.43
CA VAL B 141 -16.34 9.80 -4.87
C VAL B 141 -16.20 11.02 -5.81
#